data_2R2P
#
_entry.id   2R2P
#
_cell.length_a   80.085
_cell.length_b   80.085
_cell.length_c   169.237
_cell.angle_alpha   90.00
_cell.angle_beta   90.00
_cell.angle_gamma   120.00
#
_symmetry.space_group_name_H-M   'P 65 2 2'
#
loop_
_entity.id
_entity.type
_entity.pdbx_description
1 polymer 'Ephrin type-A receptor 5'
2 non-polymer 'SULFATE ION'
3 non-polymer 'CHLORIDE ION'
4 water water
#
_entity_poly.entity_id   1
_entity_poly.type   'polypeptide(L)'
_entity_poly.pdbx_seq_one_letter_code
;MPHTYEDPNQAVHEFAKEIEASCITIERVIGAGEFGEVCSGRLKLPGKRELPVAIKTLKVGYTEKQRRDFLGEASIMGQF
DHPNIIHLEGVVTKSKPVMIVTEYMENGSLDTFLKKNDGQFTVIQLVGMLRGISAGMKYLSDMGYVHRDLAARNILINSN
LVCKVSDFGLSRVLEDDPEAAYTTRGGKIPIRWTAPEAIAFRKFTSASDVWSYGIVMWEVVSYGERPYWEMTNQDVIKAV
EEGYRLPSPMDCPAALYQLMLDCWQKERNSRPKFDEIVNMLDKLIRNPAHHHHHH
;
_entity_poly.pdbx_strand_id   A
#
loop_
_chem_comp.id
_chem_comp.type
_chem_comp.name
_chem_comp.formula
CL non-polymer 'CHLORIDE ION' 'Cl -1'
SO4 non-polymer 'SULFATE ION' 'O4 S -2'
#
# COMPACT_ATOMS: atom_id res chain seq x y z
N ALA A 11 20.06 -11.07 -10.47
CA ALA A 11 19.59 -9.66 -10.49
C ALA A 11 18.69 -9.37 -9.29
N VAL A 12 17.77 -10.29 -8.99
CA VAL A 12 16.98 -10.22 -7.76
C VAL A 12 17.87 -10.55 -6.55
N HIS A 13 19.00 -11.21 -6.79
CA HIS A 13 19.94 -11.59 -5.73
C HIS A 13 20.76 -10.42 -5.15
N GLU A 14 20.79 -9.31 -5.89
CA GLU A 14 21.45 -8.10 -5.42
C GLU A 14 20.69 -7.42 -4.29
N PHE A 15 19.41 -7.76 -4.15
CA PHE A 15 18.49 -7.13 -3.19
C PHE A 15 17.72 -8.15 -2.37
N ALA A 16 17.77 -9.41 -2.79
CA ALA A 16 17.09 -10.49 -2.09
C ALA A 16 18.05 -11.63 -1.73
N LYS A 17 17.90 -12.11 -0.49
CA LYS A 17 18.63 -13.27 -0.04
C LYS A 17 17.96 -14.56 -0.55
N GLU A 18 18.76 -15.45 -1.14
CA GLU A 18 18.33 -16.80 -1.46
C GLU A 18 18.13 -17.65 -0.19
N ILE A 19 16.95 -18.23 -0.08
CA ILE A 19 16.58 -19.06 1.07
C ILE A 19 16.63 -20.54 0.68
N GLU A 20 17.35 -21.34 1.46
CA GLU A 20 17.32 -22.80 1.31
C GLU A 20 15.89 -23.34 1.41
N ALA A 21 15.46 -24.08 0.39
CA ALA A 21 14.07 -24.54 0.30
C ALA A 21 13.62 -25.29 1.55
N SER A 22 14.50 -26.11 2.10
CA SER A 22 14.22 -26.86 3.34
C SER A 22 13.79 -25.96 4.53
N CYS A 23 14.07 -24.66 4.46
CA CYS A 23 13.72 -23.76 5.56
C CYS A 23 12.27 -23.29 5.52
N ILE A 24 11.60 -23.49 4.39
CA ILE A 24 10.22 -23.11 4.23
C ILE A 24 9.34 -24.35 4.30
N THR A 25 8.31 -24.27 5.15
CA THR A 25 7.19 -25.22 5.08
C THR A 25 5.92 -24.41 4.93
N ILE A 26 5.09 -24.85 4.00
CA ILE A 26 3.83 -24.21 3.66
C ILE A 26 2.74 -24.69 4.62
N GLU A 27 2.09 -23.75 5.28
N GLU A 27 2.12 -23.77 5.35
CA GLU A 27 1.06 -24.07 6.26
CA GLU A 27 1.03 -24.11 6.28
C GLU A 27 -0.29 -24.25 5.57
C GLU A 27 -0.28 -24.28 5.51
N ARG A 28 -0.68 -23.23 4.77
CA ARG A 28 -1.97 -23.22 4.08
C ARG A 28 -1.93 -22.32 2.86
N VAL A 29 -2.77 -22.60 1.88
CA VAL A 29 -2.97 -21.72 0.72
C VAL A 29 -4.08 -20.76 1.10
N ILE A 30 -3.81 -19.48 0.95
CA ILE A 30 -4.72 -18.45 1.45
C ILE A 30 -5.25 -17.59 0.31
N GLY A 31 -4.64 -17.75 -0.86
CA GLY A 31 -5.10 -17.03 -2.04
C GLY A 31 -4.45 -17.42 -3.34
N ALA A 32 -4.80 -16.66 -4.38
CA ALA A 32 -4.13 -16.73 -5.66
C ALA A 32 -3.87 -15.30 -6.12
N GLY A 33 -2.61 -15.02 -6.44
CA GLY A 33 -2.22 -13.78 -7.11
C GLY A 33 -2.20 -13.98 -8.62
N GLU A 34 -1.63 -13.01 -9.33
CA GLU A 34 -1.50 -13.10 -10.78
C GLU A 34 -0.52 -14.19 -11.23
N PHE A 35 0.52 -14.41 -10.43
CA PHE A 35 1.61 -15.32 -10.81
C PHE A 35 1.55 -16.69 -10.13
N GLY A 36 0.40 -16.91 -9.44
CA GLY A 36 0.19 -18.21 -8.86
C GLY A 36 -0.37 -18.07 -7.47
N GLU A 37 -0.14 -19.09 -6.66
CA GLU A 37 -0.72 -19.12 -5.34
C GLU A 37 0.00 -18.20 -4.36
N VAL A 38 -0.75 -17.76 -3.36
CA VAL A 38 -0.20 -17.08 -2.19
C VAL A 38 -0.46 -18.02 -1.02
N CYS A 39 0.53 -18.19 -0.14
CA CYS A 39 0.40 -19.12 0.96
C CYS A 39 0.85 -18.52 2.28
N SER A 40 0.27 -19.05 3.36
CA SER A 40 0.80 -18.81 4.68
C SER A 40 1.79 -19.93 4.91
N GLY A 41 2.96 -19.61 5.46
CA GLY A 41 3.93 -20.65 5.75
C GLY A 41 4.80 -20.34 6.94
N ARG A 42 5.75 -21.24 7.21
CA ARG A 42 6.74 -21.04 8.25
C ARG A 42 8.16 -20.96 7.74
N LEU A 43 8.88 -19.94 8.19
CA LEU A 43 10.29 -19.85 7.88
C LEU A 43 11.19 -20.09 9.10
N LYS A 44 12.05 -21.09 8.98
CA LYS A 44 12.99 -21.44 10.06
C LYS A 44 14.38 -20.94 9.77
N LEU A 45 14.80 -19.95 10.56
CA LEU A 45 16.16 -19.38 10.51
C LEU A 45 16.96 -19.87 11.71
N PRO A 46 18.30 -19.96 11.59
CA PRO A 46 19.01 -20.60 12.68
C PRO A 46 18.93 -19.76 13.95
N GLY A 47 18.75 -20.43 15.08
CA GLY A 47 18.74 -19.76 16.37
C GLY A 47 17.40 -19.23 16.83
N LYS A 48 16.37 -19.28 15.99
CA LYS A 48 15.09 -18.73 16.42
C LYS A 48 13.84 -19.52 16.04
N ARG A 49 12.70 -19.09 16.60
CA ARG A 49 11.41 -19.71 16.36
C ARG A 49 11.10 -19.61 14.89
N GLU A 50 10.29 -20.54 14.39
CA GLU A 50 9.77 -20.43 13.04
C GLU A 50 9.08 -19.08 12.87
N LEU A 51 9.38 -18.40 11.76
CA LEU A 51 8.78 -17.11 11.52
C LEU A 51 7.60 -17.33 10.58
N PRO A 52 6.43 -16.80 10.94
CA PRO A 52 5.31 -16.87 10.02
C PRO A 52 5.56 -15.92 8.85
N VAL A 53 5.32 -16.43 7.65
CA VAL A 53 5.61 -15.69 6.43
C VAL A 53 4.46 -15.83 5.44
N ALA A 54 4.36 -14.87 4.54
CA ALA A 54 3.52 -15.01 3.37
C ALA A 54 4.40 -15.47 2.20
N ILE A 55 3.94 -16.49 1.50
CA ILE A 55 4.73 -17.07 0.43
C ILE A 55 3.97 -16.96 -0.89
N LYS A 56 4.53 -16.19 -1.82
CA LYS A 56 4.05 -16.17 -3.20
C LYS A 56 4.82 -17.18 -4.03
N THR A 57 4.09 -18.09 -4.66
CA THR A 57 4.67 -19.14 -5.49
C THR A 57 4.42 -18.86 -6.96
N LEU A 58 5.43 -19.14 -7.78
CA LEU A 58 5.27 -19.08 -9.23
C LEU A 58 4.74 -20.41 -9.72
N LYS A 59 3.50 -20.38 -10.25
CA LYS A 59 2.81 -21.58 -10.73
C LYS A 59 3.61 -22.30 -11.80
N VAL A 60 3.52 -23.63 -11.80
CA VAL A 60 4.17 -24.48 -12.81
C VAL A 60 3.78 -23.98 -14.19
N GLY A 61 4.73 -24.14 -15.14
CA GLY A 61 4.47 -23.88 -16.55
C GLY A 61 4.33 -22.41 -16.89
N TYR A 62 4.85 -21.56 -16.00
CA TYR A 62 4.94 -20.12 -16.22
C TYR A 62 5.72 -19.79 -17.48
N THR A 63 5.40 -18.64 -18.09
CA THR A 63 6.23 -18.07 -19.15
C THR A 63 7.45 -17.41 -18.52
N GLU A 64 8.53 -17.26 -19.30
CA GLU A 64 9.77 -16.69 -18.78
C GLU A 64 9.66 -15.18 -18.53
N LYS A 65 8.70 -14.55 -19.23
CA LYS A 65 8.33 -13.16 -18.96
C LYS A 65 7.70 -13.03 -17.58
N GLN A 66 6.79 -13.96 -17.27
CA GLN A 66 6.13 -14.02 -15.96
C GLN A 66 7.13 -14.19 -14.82
N ARG A 67 8.18 -14.98 -15.05
CA ARG A 67 9.25 -15.15 -14.06
C ARG A 67 9.94 -13.81 -13.75
N ARG A 68 10.42 -13.13 -14.80
CA ARG A 68 11.04 -11.81 -14.65
C ARG A 68 10.17 -10.84 -13.85
N ASP A 69 8.88 -10.74 -14.22
CA ASP A 69 7.92 -9.81 -13.59
C ASP A 69 7.50 -10.19 -12.16
N PHE A 70 7.44 -11.50 -11.89
CA PHE A 70 7.16 -12.04 -10.55
C PHE A 70 8.29 -11.68 -9.61
N LEU A 71 9.50 -12.06 -10.01
CA LEU A 71 10.71 -11.79 -9.26
C LEU A 71 11.07 -10.32 -9.30
N GLY A 72 10.55 -9.63 -10.32
CA GLY A 72 10.65 -8.17 -10.41
C GLY A 72 10.19 -7.46 -9.17
N GLU A 73 9.00 -7.80 -8.65
CA GLU A 73 8.50 -7.18 -7.41
C GLU A 73 9.43 -7.41 -6.22
N ALA A 74 10.07 -8.58 -6.16
CA ALA A 74 10.94 -8.95 -5.04
C ALA A 74 12.20 -8.11 -5.01
N SER A 75 12.74 -7.76 -6.18
CA SER A 75 13.89 -6.88 -6.20
C SER A 75 13.51 -5.43 -5.94
N ILE A 76 12.24 -5.08 -6.07
CA ILE A 76 11.78 -3.76 -5.64
C ILE A 76 11.65 -3.78 -4.12
N MET A 77 10.98 -4.81 -3.60
CA MET A 77 10.75 -4.91 -2.18
C MET A 77 12.05 -4.94 -1.37
N GLY A 78 13.05 -5.64 -1.89
CA GLY A 78 14.30 -5.87 -1.17
C GLY A 78 15.10 -4.60 -0.98
N GLN A 79 14.75 -3.57 -1.74
CA GLN A 79 15.44 -2.29 -1.62
C GLN A 79 15.01 -1.49 -0.40
N PHE A 80 13.87 -1.86 0.19
CA PHE A 80 13.27 -1.07 1.27
C PHE A 80 13.47 -1.75 2.61
N ASP A 81 13.75 -0.96 3.63
CA ASP A 81 13.78 -1.47 4.99
C ASP A 81 13.04 -0.49 5.89
N HIS A 82 11.75 -0.74 6.11
CA HIS A 82 10.87 0.21 6.77
C HIS A 82 9.66 -0.53 7.36
N PRO A 83 9.32 -0.22 8.62
CA PRO A 83 8.23 -0.94 9.34
C PRO A 83 6.80 -0.80 8.77
N ASN A 84 6.57 0.14 7.84
CA ASN A 84 5.28 0.32 7.18
C ASN A 84 5.39 0.02 5.68
N ILE A 85 6.40 -0.78 5.36
CA ILE A 85 6.50 -1.43 4.04
C ILE A 85 6.74 -2.91 4.30
N ILE A 86 6.01 -3.75 3.58
CA ILE A 86 6.08 -5.19 3.73
C ILE A 86 7.52 -5.60 3.53
N HIS A 87 8.02 -6.37 4.51
CA HIS A 87 9.40 -6.80 4.56
C HIS A 87 9.62 -8.08 3.76
N LEU A 88 10.69 -8.09 2.97
CA LEU A 88 11.12 -9.28 2.23
C LEU A 88 12.09 -10.11 3.04
N GLU A 89 11.72 -11.35 3.28
CA GLU A 89 12.62 -12.32 3.89
C GLU A 89 13.59 -12.86 2.84
N GLY A 90 13.12 -12.98 1.61
CA GLY A 90 13.95 -13.44 0.53
C GLY A 90 13.16 -14.24 -0.48
N VAL A 91 13.90 -14.94 -1.34
CA VAL A 91 13.38 -15.64 -2.49
C VAL A 91 13.93 -17.06 -2.51
N VAL A 92 13.21 -17.95 -3.19
CA VAL A 92 13.77 -19.23 -3.59
C VAL A 92 13.78 -19.27 -5.11
N THR A 93 14.98 -19.41 -5.68
CA THR A 93 15.15 -19.41 -7.13
C THR A 93 15.96 -20.61 -7.62
N LYS A 94 16.72 -21.23 -6.73
CA LYS A 94 17.59 -22.36 -7.10
C LYS A 94 16.83 -23.68 -7.27
N SER A 95 15.55 -23.69 -6.89
CA SER A 95 14.71 -24.88 -7.07
C SER A 95 13.26 -24.49 -7.38
N LYS A 96 12.44 -25.49 -7.67
CA LYS A 96 11.03 -25.29 -7.99
C LYS A 96 10.15 -25.75 -6.82
N PRO A 97 9.04 -25.02 -6.52
CA PRO A 97 8.63 -23.78 -7.18
C PRO A 97 9.42 -22.57 -6.68
N VAL A 98 9.48 -21.57 -7.55
CA VAL A 98 10.12 -20.29 -7.29
C VAL A 98 9.23 -19.51 -6.33
N MET A 99 9.85 -19.01 -5.26
CA MET A 99 9.11 -18.36 -4.17
C MET A 99 9.63 -16.97 -3.84
N ILE A 100 8.70 -16.18 -3.32
CA ILE A 100 8.99 -14.90 -2.71
C ILE A 100 8.40 -14.98 -1.32
N VAL A 101 9.22 -14.73 -0.31
CA VAL A 101 8.84 -14.92 1.07
C VAL A 101 8.84 -13.57 1.78
N THR A 102 7.66 -13.13 2.23
CA THR A 102 7.52 -11.85 2.89
C THR A 102 7.02 -12.05 4.32
N GLU A 103 6.96 -10.97 5.09
CA GLU A 103 6.32 -11.04 6.40
C GLU A 103 4.83 -11.31 6.27
N TYR A 104 4.29 -11.92 7.32
CA TYR A 104 2.89 -12.29 7.43
C TYR A 104 2.09 -11.16 8.10
N MET A 105 1.01 -10.77 7.44
CA MET A 105 0.10 -9.78 8.00
C MET A 105 -1.24 -10.42 8.39
N GLU A 106 -1.46 -10.55 9.70
CA GLU A 106 -2.54 -11.37 10.25
C GLU A 106 -3.95 -11.00 9.80
N ASN A 107 -4.19 -9.70 9.59
CA ASN A 107 -5.52 -9.22 9.30
C ASN A 107 -5.78 -8.92 7.85
N GLY A 108 -4.85 -9.29 6.98
CA GLY A 108 -5.05 -9.19 5.53
C GLY A 108 -5.19 -7.75 5.06
N SER A 109 -6.00 -7.57 4.00
CA SER A 109 -6.20 -6.26 3.39
C SER A 109 -6.94 -5.27 4.27
N LEU A 110 -6.52 -4.01 4.19
CA LEU A 110 -7.13 -2.99 5.02
C LEU A 110 -8.63 -2.76 4.74
N ASP A 111 -9.03 -2.66 3.47
CA ASP A 111 -10.42 -2.39 3.12
C ASP A 111 -11.38 -3.48 3.66
N THR A 112 -10.96 -4.72 3.54
CA THR A 112 -11.73 -5.86 4.01
C THR A 112 -11.83 -5.83 5.53
N PHE A 113 -10.67 -5.63 6.17
CA PHE A 113 -10.60 -5.60 7.63
C PHE A 113 -11.51 -4.54 8.26
N LEU A 114 -11.54 -3.33 7.68
CA LEU A 114 -12.36 -2.25 8.20
C LEU A 114 -13.86 -2.46 7.99
N LYS A 115 -14.22 -3.12 6.89
CA LYS A 115 -15.61 -3.50 6.61
C LYS A 115 -16.19 -4.45 7.66
N LYS A 116 -15.38 -5.39 8.15
CA LYS A 116 -15.79 -6.30 9.23
C LYS A 116 -15.91 -5.61 10.58
N ASN A 117 -15.35 -4.41 10.68
CA ASN A 117 -15.24 -3.72 11.97
C ASN A 117 -15.78 -2.31 11.90
N ASP A 118 -16.83 -2.15 11.11
CA ASP A 118 -17.55 -0.90 10.94
C ASP A 118 -17.88 -0.18 12.26
N GLY A 119 -17.30 1.00 12.44
CA GLY A 119 -17.59 1.84 13.61
C GLY A 119 -16.91 1.39 14.89
N GLN A 120 -15.93 0.48 14.76
CA GLN A 120 -15.34 -0.17 15.94
C GLN A 120 -14.13 0.57 16.50
N PHE A 121 -13.54 1.45 15.70
CA PHE A 121 -12.30 2.14 16.08
C PHE A 121 -12.51 3.59 16.48
N THR A 122 -11.63 4.08 17.36
CA THR A 122 -11.62 5.49 17.72
C THR A 122 -10.93 6.30 16.62
N VAL A 123 -11.04 7.63 16.69
CA VAL A 123 -10.37 8.52 15.74
C VAL A 123 -8.86 8.31 15.86
N ILE A 124 -8.38 8.16 17.09
CA ILE A 124 -6.97 7.96 17.33
C ILE A 124 -6.47 6.67 16.68
N GLN A 125 -7.29 5.62 16.71
CA GLN A 125 -6.92 4.30 16.18
C GLN A 125 -6.78 4.34 14.68
N LEU A 126 -7.69 5.07 14.04
CA LEU A 126 -7.78 5.22 12.58
C LEU A 126 -6.76 6.20 12.04
N VAL A 127 -6.58 7.33 12.73
CA VAL A 127 -5.47 8.24 12.44
C VAL A 127 -4.13 7.50 12.59
N GLY A 128 -4.07 6.59 13.57
CA GLY A 128 -2.88 5.80 13.80
C GLY A 128 -2.52 4.97 12.59
N MET A 129 -3.53 4.29 12.00
CA MET A 129 -3.37 3.50 10.78
C MET A 129 -2.87 4.36 9.62
N LEU A 130 -3.47 5.54 9.49
CA LEU A 130 -3.13 6.46 8.41
C LEU A 130 -1.73 7.06 8.58
N ARG A 131 -1.26 7.14 9.83
CA ARG A 131 0.05 7.70 10.09
C ARG A 131 1.11 6.71 9.66
N GLY A 132 0.84 5.43 9.90
CA GLY A 132 1.72 4.35 9.49
C GLY A 132 1.85 4.31 7.99
N ILE A 133 0.72 4.31 7.29
CA ILE A 133 0.71 4.31 5.83
C ILE A 133 1.53 5.49 5.26
N SER A 134 1.33 6.69 5.79
CA SER A 134 2.04 7.87 5.26
C SER A 134 3.53 7.83 5.57
N ALA A 135 3.89 7.19 6.69
CA ALA A 135 5.28 7.00 7.07
C ALA A 135 6.00 6.14 6.02
N GLY A 136 5.37 5.04 5.62
CA GLY A 136 5.95 4.15 4.60
C GLY A 136 6.05 4.86 3.26
N MET A 137 5.02 5.64 2.93
CA MET A 137 4.99 6.36 1.67
C MET A 137 6.07 7.42 1.65
N LYS A 138 6.29 8.06 2.80
CA LYS A 138 7.31 9.07 2.89
C LYS A 138 8.61 8.41 2.50
N TYR A 139 8.89 7.28 3.13
CA TYR A 139 10.11 6.53 2.91
C TYR A 139 10.26 6.11 1.45
N LEU A 140 9.19 5.57 0.86
CA LEU A 140 9.13 5.28 -0.58
C LEU A 140 9.46 6.48 -1.45
N SER A 141 8.83 7.61 -1.12
CA SER A 141 9.06 8.85 -1.82
C SER A 141 10.56 9.17 -1.83
N ASP A 142 11.14 9.21 -0.62
CA ASP A 142 12.56 9.48 -0.37
C ASP A 142 13.47 8.55 -1.14
N MET A 143 13.05 7.30 -1.32
CA MET A 143 13.85 6.28 -1.98
C MET A 143 13.87 6.40 -3.51
N GLY A 144 13.07 7.33 -4.05
CA GLY A 144 12.99 7.56 -5.50
C GLY A 144 11.96 6.69 -6.23
N TYR A 145 10.94 6.22 -5.51
CA TYR A 145 9.89 5.38 -6.08
C TYR A 145 8.53 6.05 -6.04
N VAL A 146 7.70 5.72 -7.03
CA VAL A 146 6.28 6.03 -7.03
C VAL A 146 5.50 4.72 -7.06
N HIS A 147 4.51 4.58 -6.18
CA HIS A 147 3.75 3.35 -6.04
C HIS A 147 2.72 3.17 -7.16
N ARG A 148 1.92 4.20 -7.39
CA ARG A 148 0.98 4.21 -8.51
C ARG A 148 -0.30 3.46 -8.23
N ASP A 149 -0.32 2.63 -7.19
CA ASP A 149 -1.45 1.71 -6.95
C ASP A 149 -1.87 1.74 -5.48
N LEU A 150 -1.80 2.93 -4.90
CA LEU A 150 -2.04 3.06 -3.48
C LEU A 150 -3.56 3.12 -3.24
N ALA A 151 -4.05 2.09 -2.56
CA ALA A 151 -5.46 1.94 -2.23
C ALA A 151 -5.51 1.06 -0.99
N ALA A 152 -6.62 1.15 -0.26
CA ALA A 152 -6.81 0.42 0.99
C ALA A 152 -6.64 -1.07 0.76
N ARG A 153 -7.11 -1.54 -0.39
CA ARG A 153 -7.05 -2.94 -0.74
C ARG A 153 -5.60 -3.41 -1.01
N ASN A 154 -4.68 -2.49 -1.26
CA ASN A 154 -3.25 -2.79 -1.38
C ASN A 154 -2.46 -2.38 -0.12
N ILE A 155 -3.19 -2.18 0.98
CA ILE A 155 -2.54 -1.95 2.26
C ILE A 155 -2.87 -3.16 3.10
N LEU A 156 -1.84 -3.73 3.72
CA LEU A 156 -2.03 -4.84 4.65
C LEU A 156 -1.97 -4.39 6.12
N ILE A 157 -2.66 -5.11 6.99
CA ILE A 157 -2.72 -4.73 8.41
C ILE A 157 -2.49 -5.96 9.29
N ASN A 158 -1.61 -5.82 10.29
CA ASN A 158 -1.27 -6.95 11.18
C ASN A 158 -2.08 -7.02 12.49
N SER A 159 -1.67 -7.91 13.40
CA SER A 159 -2.44 -8.10 14.64
C SER A 159 -2.29 -6.94 15.63
N ASN A 160 -1.30 -6.07 15.42
CA ASN A 160 -1.18 -4.87 16.23
C ASN A 160 -1.86 -3.66 15.59
N LEU A 161 -2.55 -3.91 14.48
CA LEU A 161 -3.19 -2.88 13.66
C LEU A 161 -2.15 -2.00 12.94
N VAL A 162 -0.94 -2.51 12.76
CA VAL A 162 0.08 -1.79 12.01
C VAL A 162 -0.19 -1.97 10.52
N CYS A 163 -0.28 -0.86 9.79
CA CYS A 163 -0.59 -0.86 8.37
C CYS A 163 0.67 -0.75 7.54
N LYS A 164 0.77 -1.57 6.50
CA LYS A 164 1.96 -1.58 5.64
C LYS A 164 1.60 -1.53 4.15
N VAL A 165 2.36 -0.72 3.41
CA VAL A 165 2.23 -0.65 1.95
C VAL A 165 2.71 -1.99 1.38
N SER A 166 1.93 -2.48 0.43
CA SER A 166 2.11 -3.77 -0.18
C SER A 166 1.91 -3.58 -1.68
N ASP A 167 1.97 -4.70 -2.42
CA ASP A 167 1.71 -4.75 -3.86
C ASP A 167 2.51 -3.73 -4.71
N PHE A 168 3.76 -4.08 -5.03
CA PHE A 168 4.67 -3.23 -5.83
C PHE A 168 4.82 -3.70 -7.28
N GLY A 169 3.77 -4.33 -7.79
CA GLY A 169 3.65 -4.62 -9.22
C GLY A 169 3.70 -3.37 -10.10
N LEU A 170 3.02 -2.30 -9.67
CA LEU A 170 3.01 -1.06 -10.46
C LEU A 170 4.06 -0.03 -10.03
N SER A 171 4.81 -0.32 -8.96
CA SER A 171 5.90 0.56 -8.48
C SER A 171 6.99 0.77 -9.50
N ARG A 172 7.31 2.03 -9.76
CA ARG A 172 8.36 2.38 -10.72
C ARG A 172 9.31 3.38 -10.08
N VAL A 173 10.56 3.38 -10.55
CA VAL A 173 11.55 4.32 -10.05
C VAL A 173 11.35 5.67 -10.76
N LEU A 174 11.30 6.76 -10.00
CA LEU A 174 11.19 8.10 -10.58
C LEU A 174 12.38 8.48 -11.47
N GLU A 175 12.10 9.11 -12.61
CA GLU A 175 13.15 9.62 -13.48
C GLU A 175 13.59 11.04 -13.09
N ASP A 176 14.84 11.38 -13.41
CA ASP A 176 15.45 12.64 -12.98
C ASP A 176 15.09 13.82 -13.89
N ASP A 177 14.02 14.53 -13.52
CA ASP A 177 13.46 15.63 -14.31
C ASP A 177 12.99 16.78 -13.41
N PRO A 178 12.72 17.96 -14.00
CA PRO A 178 11.92 18.98 -13.34
C PRO A 178 10.48 18.55 -13.09
N ALA A 180 10.22 15.03 -11.83
CA ALA A 180 10.44 13.91 -10.92
C ALA A 180 9.37 12.83 -11.11
N ALA A 181 9.25 12.31 -12.34
CA ALA A 181 8.09 11.51 -12.76
C ALA A 181 8.39 10.23 -13.58
N TYR A 182 7.45 9.29 -13.50
CA TYR A 182 7.37 8.15 -14.39
C TYR A 182 6.19 8.32 -15.32
N THR A 183 6.37 7.98 -16.59
CA THR A 183 5.30 7.95 -17.56
C THR A 183 4.97 6.49 -17.90
N THR A 184 3.68 6.16 -17.91
CA THR A 184 3.21 4.78 -18.13
C THR A 184 3.50 4.19 -19.54
N ARG A 185 3.42 2.86 -19.63
CA ARG A 185 3.47 2.14 -20.90
C ARG A 185 2.26 1.22 -21.03
N GLY A 187 -0.36 0.49 -19.05
CA GLY A 187 -1.59 1.19 -18.66
C GLY A 187 -2.62 0.33 -17.95
N LYS A 188 -2.37 0.05 -16.67
CA LYS A 188 -3.32 -0.69 -15.82
C LYS A 188 -3.76 0.22 -14.67
N ILE A 189 -4.13 1.44 -15.05
CA ILE A 189 -4.55 2.53 -14.16
C ILE A 189 -5.86 2.26 -13.37
N PRO A 190 -5.80 2.29 -12.02
CA PRO A 190 -6.99 2.29 -11.15
C PRO A 190 -7.56 3.71 -10.97
N ILE A 191 -8.59 4.00 -11.74
CA ILE A 191 -9.03 5.36 -12.01
C ILE A 191 -9.46 6.13 -10.77
N ARG A 192 -10.30 5.52 -9.91
CA ARG A 192 -10.90 6.34 -8.82
C ARG A 192 -9.90 6.65 -7.68
N TRP A 193 -8.75 6.00 -7.74
CA TRP A 193 -7.65 6.28 -6.84
C TRP A 193 -6.57 7.19 -7.45
N THR A 194 -6.72 7.57 -8.71
CA THR A 194 -5.62 8.21 -9.43
C THR A 194 -5.76 9.71 -9.60
N ALA A 195 -4.64 10.42 -9.41
CA ALA A 195 -4.61 11.86 -9.61
C ALA A 195 -4.95 12.22 -11.06
N PRO A 196 -5.69 13.32 -11.28
CA PRO A 196 -6.11 13.74 -12.63
C PRO A 196 -5.00 13.88 -13.68
N GLU A 197 -3.84 14.41 -13.29
CA GLU A 197 -2.75 14.60 -14.23
C GLU A 197 -2.14 13.27 -14.60
N ALA A 198 -2.30 12.29 -13.73
CA ALA A 198 -1.80 10.95 -13.98
C ALA A 198 -2.79 10.26 -14.91
N ILE A 199 -4.07 10.54 -14.73
CA ILE A 199 -5.07 10.01 -15.65
C ILE A 199 -4.90 10.61 -17.05
N ALA A 200 -4.88 11.95 -17.12
CA ALA A 200 -4.86 12.67 -18.39
C ALA A 200 -3.54 12.53 -19.15
N PHE A 201 -2.42 12.76 -18.45
CA PHE A 201 -1.10 12.90 -19.06
C PHE A 201 -0.24 11.69 -18.82
N ARG A 202 -0.72 10.79 -17.97
CA ARG A 202 -0.01 9.58 -17.58
C ARG A 202 1.33 9.88 -16.90
N LYS A 203 1.37 11.03 -16.18
CA LYS A 203 2.55 11.47 -15.43
C LYS A 203 2.37 11.19 -13.92
N PHE A 204 3.23 10.31 -13.41
CA PHE A 204 3.13 9.80 -12.04
C PHE A 204 4.25 10.34 -11.15
N THR A 205 3.88 10.88 -10.01
CA THR A 205 4.85 11.49 -9.12
C THR A 205 4.47 11.10 -7.71
N SER A 206 5.35 11.38 -6.76
CA SER A 206 5.00 11.29 -5.34
C SER A 206 3.71 12.06 -5.04
N ALA A 207 3.50 13.18 -5.70
CA ALA A 207 2.27 13.96 -5.56
C ALA A 207 1.01 13.28 -6.10
N SER A 208 1.11 12.46 -7.15
CA SER A 208 -0.05 11.64 -7.50
C SER A 208 -0.29 10.54 -6.45
N ASP A 209 0.78 10.02 -5.85
CA ASP A 209 0.64 9.07 -4.71
C ASP A 209 -0.06 9.72 -3.52
N VAL A 210 0.11 11.03 -3.34
CA VAL A 210 -0.54 11.74 -2.24
C VAL A 210 -2.03 11.88 -2.51
N TRP A 211 -2.40 12.09 -3.77
CA TRP A 211 -3.79 12.06 -4.16
C TRP A 211 -4.39 10.71 -3.79
N SER A 212 -3.70 9.63 -4.17
CA SER A 212 -4.19 8.28 -3.89
C SER A 212 -4.31 8.16 -2.39
N TYR A 213 -3.31 8.62 -1.67
CA TYR A 213 -3.32 8.58 -0.22
C TYR A 213 -4.54 9.31 0.38
N GLY A 214 -4.95 10.43 -0.22
CA GLY A 214 -6.17 11.12 0.21
C GLY A 214 -7.37 10.18 0.11
N ILE A 215 -7.38 9.37 -0.96
CA ILE A 215 -8.47 8.44 -1.21
C ILE A 215 -8.47 7.39 -0.11
N VAL A 216 -7.27 6.92 0.25
CA VAL A 216 -7.07 5.91 1.28
C VAL A 216 -7.60 6.47 2.60
N MET A 217 -7.22 7.71 2.93
CA MET A 217 -7.76 8.39 4.12
C MET A 217 -9.27 8.28 4.18
N TRP A 218 -9.93 8.55 3.07
CA TRP A 218 -11.38 8.58 3.00
C TRP A 218 -11.97 7.17 3.14
N GLU A 219 -11.26 6.16 2.62
CA GLU A 219 -11.69 4.76 2.69
C GLU A 219 -11.56 4.31 4.13
N VAL A 220 -10.44 4.66 4.74
CA VAL A 220 -10.21 4.25 6.12
C VAL A 220 -11.30 4.79 7.04
N VAL A 221 -11.50 6.11 7.02
CA VAL A 221 -12.52 6.76 7.85
C VAL A 221 -13.97 6.32 7.50
N SER A 222 -14.23 5.95 6.24
CA SER A 222 -15.52 5.38 5.80
C SER A 222 -15.72 3.91 6.10
N TYR A 223 -14.67 3.24 6.62
CA TYR A 223 -14.69 1.80 6.86
C TYR A 223 -14.87 1.00 5.56
N GLY A 224 -14.08 1.34 4.55
CA GLY A 224 -14.06 0.53 3.34
C GLY A 224 -15.22 0.77 2.37
N GLU A 225 -15.79 1.98 2.35
CA GLU A 225 -16.64 2.37 1.21
C GLU A 225 -15.79 2.43 -0.07
N ARG A 226 -16.37 1.96 -1.16
CA ARG A 226 -15.88 2.23 -2.51
C ARG A 226 -15.92 3.75 -2.71
N PRO A 227 -14.76 4.35 -3.06
CA PRO A 227 -14.70 5.76 -3.46
C PRO A 227 -15.64 6.03 -4.66
N TYR A 228 -16.58 6.97 -4.47
CA TYR A 228 -17.50 7.43 -5.50
C TYR A 228 -18.61 6.41 -5.74
N TRP A 229 -18.69 5.43 -4.84
CA TRP A 229 -19.77 4.44 -4.85
C TRP A 229 -20.03 3.81 -6.23
N GLU A 230 -21.27 3.85 -6.72
CA GLU A 230 -21.62 3.27 -8.01
C GLU A 230 -21.31 4.15 -9.21
N MET A 231 -20.65 5.30 -9.00
CA MET A 231 -20.28 6.19 -10.12
C MET A 231 -19.40 5.40 -11.10
N THR A 232 -19.67 5.54 -12.40
CA THR A 232 -18.79 4.96 -13.44
C THR A 232 -17.43 5.66 -13.46
N ASN A 233 -16.44 5.04 -14.08
CA ASN A 233 -15.11 5.66 -14.25
C ASN A 233 -15.17 7.00 -14.98
N GLN A 234 -16.02 7.08 -16.01
CA GLN A 234 -16.27 8.35 -16.70
C GLN A 234 -16.91 9.38 -15.75
N ASP A 235 -17.93 8.96 -14.99
CA ASP A 235 -18.59 9.82 -14.00
C ASP A 235 -17.55 10.49 -13.08
N VAL A 236 -16.65 9.69 -12.53
CA VAL A 236 -15.58 10.17 -11.62
C VAL A 236 -14.61 11.15 -12.27
N ILE A 237 -14.08 10.80 -13.44
CA ILE A 237 -13.11 11.66 -14.11
C ILE A 237 -13.75 13.04 -14.33
N LYS A 238 -14.92 13.06 -14.94
CA LYS A 238 -15.63 14.31 -15.19
C LYS A 238 -15.90 15.07 -13.88
N ALA A 239 -16.37 14.38 -12.85
CA ALA A 239 -16.71 15.02 -11.57
C ALA A 239 -15.51 15.74 -10.93
N VAL A 240 -14.44 14.98 -10.72
CA VAL A 240 -13.17 15.48 -10.18
C VAL A 240 -12.64 16.66 -11.02
N GLU A 241 -12.72 16.52 -12.35
CA GLU A 241 -12.23 17.55 -13.27
C GLU A 241 -12.99 18.85 -13.06
N GLU A 242 -14.27 18.71 -12.70
CA GLU A 242 -15.18 19.83 -12.51
C GLU A 242 -14.98 20.50 -11.15
N GLY A 243 -14.34 19.82 -10.22
CA GLY A 243 -14.14 20.38 -8.89
C GLY A 243 -14.82 19.63 -7.76
N TYR A 244 -15.63 18.62 -8.10
CA TYR A 244 -16.30 17.83 -7.08
C TYR A 244 -15.27 17.02 -6.31
N ARG A 245 -15.49 16.90 -5.00
CA ARG A 245 -14.68 16.04 -4.13
C ARG A 245 -15.56 15.15 -3.26
N LEU A 246 -15.01 14.03 -2.82
CA LEU A 246 -15.79 13.15 -2.00
C LEU A 246 -16.19 13.87 -0.70
N PRO A 247 -17.45 13.68 -0.23
CA PRO A 247 -17.84 14.39 1.00
C PRO A 247 -17.19 13.78 2.26
N SER A 248 -17.36 14.43 3.41
CA SER A 248 -16.75 13.97 4.65
C SER A 248 -17.46 12.72 5.13
N PRO A 249 -16.70 11.67 5.50
CA PRO A 249 -17.30 10.49 6.11
C PRO A 249 -17.98 10.85 7.43
N MET A 250 -18.91 10.01 7.88
CA MET A 250 -19.54 10.17 9.18
C MET A 250 -18.50 10.12 10.30
N ASP A 251 -18.63 11.02 11.27
CA ASP A 251 -17.73 11.11 12.44
C ASP A 251 -16.27 11.45 12.10
N CYS A 252 -16.06 12.08 10.95
CA CYS A 252 -14.72 12.51 10.56
C CYS A 252 -14.42 13.88 11.14
N PRO A 253 -13.29 14.00 11.87
CA PRO A 253 -12.81 15.30 12.31
C PRO A 253 -12.62 16.26 11.12
N ALA A 254 -13.07 17.50 11.30
CA ALA A 254 -12.94 18.57 10.29
C ALA A 254 -11.53 18.69 9.73
N ALA A 255 -10.54 18.69 10.62
CA ALA A 255 -9.14 18.85 10.21
C ALA A 255 -8.62 17.66 9.40
N LEU A 256 -9.09 16.45 9.70
CA LEU A 256 -8.81 15.30 8.85
C LEU A 256 -9.43 15.47 7.47
N TYR A 257 -10.71 15.83 7.41
CA TYR A 257 -11.35 16.00 6.13
C TYR A 257 -10.64 17.08 5.32
N GLN A 258 -10.24 18.17 5.99
CA GLN A 258 -9.48 19.21 5.30
C GLN A 258 -8.13 18.69 4.76
N LEU A 259 -7.45 17.84 5.53
CA LEU A 259 -6.24 17.17 4.99
C LEU A 259 -6.51 16.34 3.69
N MET A 260 -7.64 15.63 3.66
CA MET A 260 -8.12 14.96 2.44
C MET A 260 -8.24 15.94 1.27
N LEU A 261 -8.99 17.03 1.48
CA LEU A 261 -9.15 18.06 0.44
C LEU A 261 -7.80 18.54 -0.03
N ASP A 262 -6.89 18.77 0.92
CA ASP A 262 -5.52 19.17 0.56
C ASP A 262 -4.84 18.17 -0.39
N CYS A 263 -4.98 16.88 -0.11
CA CYS A 263 -4.41 15.85 -1.00
C CYS A 263 -5.06 15.89 -2.39
N TRP A 264 -6.30 16.40 -2.45
CA TRP A 264 -7.06 16.39 -3.67
C TRP A 264 -7.03 17.73 -4.42
N GLN A 265 -5.97 18.51 -4.18
CA GLN A 265 -5.73 19.72 -4.95
C GLN A 265 -5.45 19.31 -6.41
N LYS A 266 -6.07 20.02 -7.34
CA LYS A 266 -5.88 19.76 -8.76
C LYS A 266 -4.39 19.92 -9.13
N GLU A 267 -3.77 21.00 -8.65
CA GLU A 267 -2.35 21.24 -8.89
C GLU A 267 -1.51 20.41 -7.94
N ARG A 268 -0.72 19.50 -8.49
CA ARG A 268 0.03 18.57 -7.64
C ARG A 268 1.01 19.27 -6.71
N ASN A 269 1.61 20.36 -7.16
CA ASN A 269 2.53 21.15 -6.33
C ASN A 269 1.90 21.69 -5.04
N SER A 270 0.57 21.76 -5.00
CA SER A 270 -0.14 22.27 -3.82
C SER A 270 -0.53 21.17 -2.81
N ARG A 271 -0.39 19.91 -3.16
CA ARG A 271 -0.67 18.83 -2.21
C ARG A 271 0.41 18.82 -1.13
N PRO A 272 0.09 18.38 0.09
CA PRO A 272 1.25 18.34 1.01
C PRO A 272 2.24 17.21 0.66
N LYS A 273 3.46 17.35 1.16
CA LYS A 273 4.44 16.31 1.03
C LYS A 273 4.07 15.22 2.03
N PHE A 274 4.52 13.99 1.81
CA PHE A 274 4.25 12.92 2.80
C PHE A 274 4.76 13.26 4.18
N ASP A 275 5.92 13.90 4.26
CA ASP A 275 6.48 14.29 5.57
C ASP A 275 5.56 15.28 6.30
N GLU A 276 4.91 16.16 5.53
CA GLU A 276 3.90 17.10 6.07
C GLU A 276 2.66 16.37 6.60
N ILE A 277 2.20 15.38 5.85
CA ILE A 277 1.10 14.53 6.29
C ILE A 277 1.42 13.86 7.62
N VAL A 278 2.60 13.25 7.74
CA VAL A 278 3.01 12.52 8.93
C VAL A 278 3.02 13.44 10.15
N ASN A 279 3.60 14.63 9.98
CA ASN A 279 3.61 15.66 11.02
C ASN A 279 2.23 16.13 11.46
N MET A 280 1.30 16.32 10.52
CA MET A 280 -0.08 16.76 10.82
C MET A 280 -0.82 15.68 11.59
N LEU A 281 -0.60 14.43 11.21
CA LEU A 281 -1.23 13.31 11.84
C LEU A 281 -0.67 13.12 13.23
N ASP A 282 0.67 13.21 13.40
CA ASP A 282 1.27 13.19 14.75
C ASP A 282 0.67 14.25 15.67
N LYS A 283 0.36 15.42 15.12
CA LYS A 283 -0.23 16.50 15.89
C LYS A 283 -1.63 16.18 16.37
N LEU A 284 -2.40 15.45 15.56
CA LEU A 284 -3.76 15.00 15.93
C LEU A 284 -3.69 13.97 17.05
N ILE A 285 -2.77 13.03 16.91
CA ILE A 285 -2.61 11.96 17.89
C ILE A 285 -2.24 12.54 19.24
N ARG A 286 -1.54 13.65 19.19
CA ARG A 286 -0.98 14.30 20.37
C ARG A 286 -1.90 15.40 20.92
N ASN A 287 -3.01 15.63 20.20
CA ASN A 287 -4.03 16.59 20.62
C ASN A 287 -5.16 15.93 21.43
N PRO A 288 -5.27 16.26 22.74
CA PRO A 288 -6.32 15.67 23.61
C PRO A 288 -7.75 15.94 23.15
N ALA A 289 -7.97 16.97 22.33
CA ALA A 289 -9.31 17.27 21.79
C ALA A 289 -9.88 16.06 21.03
N HIS A 290 -8.99 15.30 20.38
CA HIS A 290 -9.34 14.11 19.59
C HIS A 290 -9.43 12.80 20.37
N HIS A 291 -9.15 12.86 21.67
CA HIS A 291 -9.20 11.69 22.52
C HIS A 291 -10.54 11.73 23.18
N HIS A 292 -11.39 10.77 22.84
CA HIS A 292 -12.70 10.61 23.46
C HIS A 292 -12.57 10.27 24.96
N HIS A 293 -11.50 9.57 25.33
CA HIS A 293 -11.27 9.16 26.72
C HIS A 293 -10.00 9.81 27.29
N HIS A 294 -10.10 10.42 28.47
CA HIS A 294 -8.98 11.11 29.11
C HIS A 294 -8.50 10.43 30.43
N HIS A 295 -9.07 9.26 30.70
CA HIS A 295 -8.75 8.53 31.93
C HIS A 295 -8.38 7.07 31.59
S SO4 B . 3.65 0.34 -17.19
O1 SO4 B . 2.74 -0.09 -16.11
O2 SO4 B . 3.10 -0.11 -18.46
O3 SO4 B . 3.74 1.80 -17.19
O4 SO4 B . 4.99 -0.23 -17.01
S SO4 C . 18.03 -23.46 16.77
O1 SO4 C . 16.85 -24.25 17.06
O2 SO4 C . 18.02 -23.10 15.36
O3 SO4 C . 18.01 -22.27 17.63
O4 SO4 C . 19.30 -24.15 17.04
S SO4 D . -10.54 0.76 -12.54
O1 SO4 D . -12.01 0.70 -12.50
O2 SO4 D . -10.10 1.77 -13.49
O3 SO4 D . -10.07 1.09 -11.19
O4 SO4 D . -9.99 -0.54 -12.95
S SO4 E . -13.12 9.08 30.38
O1 SO4 E . -13.52 9.03 31.78
O2 SO4 E . -14.18 8.49 29.57
O3 SO4 E . -12.88 10.49 30.00
O4 SO4 E . -11.92 8.27 30.20
CL CL F . -13.87 18.43 14.91
#